data_9L75
#
_entry.id   9L75
#
_cell.length_a   169.420
_cell.length_b   169.420
_cell.length_c   54.990
_cell.angle_alpha   90.000
_cell.angle_beta   90.000
_cell.angle_gamma   120.000
#
_symmetry.space_group_name_H-M   'P 65'
#
loop_
_entity.id
_entity.type
_entity.pdbx_description
1 polymer 'Alpha/beta hydrolase'
2 non-polymer DI(HYDROXYETHYL)ETHER
3 water water
#
_entity_poly.entity_id   1
_entity_poly.type   'polypeptide(L)'
_entity_poly.pdbx_seq_one_letter_code
;VPTTVDFDTLCPEPIFQDRWVATPRGRVFTRTWETSHLRSDVPIVLLHDSLGCVDLWRSFPAALCAATQRRVIAYDRLGF
GRSDACLTPPLLSFIDDEPSTSFAALQSAFQLTHFIALGHSVGGCMAVHCAGQYVEQCQGLITIAAQAVNEPRTQQGIEE
ARAAFQMPEQFAKLEKYHGNKARWVLNGWIDTWLHPAFEHWSLTPALQHVHCPTLVLHGENDEYGSHRQPEGIARHTRGP
AHTEILPGVGHVPHREVEAVVVHYVSEFIERLTPGTPGAPA
;
_entity_poly.pdbx_strand_id   A,B
#
loop_
_chem_comp.id
_chem_comp.type
_chem_comp.name
_chem_comp.formula
PEG non-polymer DI(HYDROXYETHYL)ETHER 'C4 H10 O3'
#
# COMPACT_ATOMS: atom_id res chain seq x y z
N VAL A 1 5.21 -33.58 1.91
CA VAL A 1 6.44 -34.15 2.49
C VAL A 1 7.54 -34.15 1.42
N PRO A 2 8.55 -33.27 1.60
CA PRO A 2 9.59 -33.10 0.56
C PRO A 2 10.76 -34.07 0.67
N THR A 3 11.75 -33.89 -0.22
CA THR A 3 13.03 -34.63 -0.20
C THR A 3 14.17 -33.65 -0.49
N THR A 4 15.40 -34.16 -0.38
CA THR A 4 16.59 -33.37 -0.70
C THR A 4 16.55 -32.85 -2.13
N VAL A 5 15.92 -33.62 -3.03
CA VAL A 5 15.78 -33.27 -4.43
C VAL A 5 15.03 -31.95 -4.60
N ASP A 6 14.10 -31.66 -3.71
CA ASP A 6 13.29 -30.46 -3.81
C ASP A 6 14.00 -29.19 -3.37
N PHE A 7 15.22 -29.29 -2.84
CA PHE A 7 15.89 -28.13 -2.24
C PHE A 7 17.09 -27.68 -3.06
N ASP A 8 17.15 -28.05 -4.33
CA ASP A 8 18.16 -27.47 -5.19
C ASP A 8 17.85 -26.00 -5.51
N THR A 9 16.59 -25.59 -5.41
CA THR A 9 16.23 -24.17 -5.47
C THR A 9 15.50 -23.75 -4.19
N LEU A 10 15.87 -22.57 -3.67
CA LEU A 10 15.35 -22.04 -2.41
C LEU A 10 14.82 -20.63 -2.66
N CYS A 11 13.56 -20.38 -2.27
CA CYS A 11 13.00 -19.03 -2.37
C CYS A 11 12.75 -18.45 -0.97
N PRO A 12 12.87 -17.12 -0.80
CA PRO A 12 13.10 -16.55 0.55
C PRO A 12 11.90 -16.65 1.49
N GLU A 13 12.18 -16.36 2.76
CA GLU A 13 11.33 -16.63 3.91
C GLU A 13 11.61 -15.59 4.99
N PRO A 14 10.57 -15.00 5.63
CA PRO A 14 9.12 -15.12 5.40
C PRO A 14 8.57 -14.25 4.27
N ILE A 15 7.37 -14.58 3.81
CA ILE A 15 6.68 -13.83 2.78
C ILE A 15 5.55 -13.02 3.43
N PHE A 16 5.14 -11.95 2.74
CA PHE A 16 4.01 -11.16 3.18
C PHE A 16 2.96 -11.06 2.08
N GLN A 17 1.80 -10.55 2.46
CA GLN A 17 0.67 -10.39 1.55
C GLN A 17 -0.20 -9.21 2.00
N ASP A 18 -0.47 -8.31 1.06
CA ASP A 18 -1.35 -7.15 1.30
C ASP A 18 -2.81 -7.51 1.18
N ARG A 19 -3.64 -6.81 1.95
CA ARG A 19 -5.07 -7.05 2.01
C ARG A 19 -5.77 -5.77 2.46
N TRP A 20 -6.82 -5.38 1.75
CA TRP A 20 -7.61 -4.20 2.10
C TRP A 20 -8.79 -4.61 2.96
N VAL A 21 -9.07 -3.84 4.01
CA VAL A 21 -10.20 -4.07 4.90
C VAL A 21 -11.14 -2.87 4.83
N ALA A 22 -12.40 -3.12 4.49
CA ALA A 22 -13.37 -2.03 4.36
C ALA A 22 -13.97 -1.63 5.70
N THR A 23 -14.14 -0.33 5.88
CA THR A 23 -14.82 0.24 7.03
C THR A 23 -15.86 1.20 6.48
N PRO A 24 -16.80 1.66 7.32
CA PRO A 24 -17.76 2.66 6.82
C PRO A 24 -17.12 3.96 6.34
N ARG A 25 -16.08 4.43 7.03
CA ARG A 25 -15.42 5.68 6.64
C ARG A 25 -14.28 5.47 5.62
N GLY A 26 -14.15 4.28 5.02
CA GLY A 26 -13.08 4.08 4.05
C GLY A 26 -12.30 2.80 4.30
N ARG A 27 -11.14 2.71 3.65
CA ARG A 27 -10.41 1.48 3.40
C ARG A 27 -9.13 1.42 4.22
N VAL A 28 -8.88 0.27 4.84
CA VAL A 28 -7.80 0.11 5.81
C VAL A 28 -6.78 -0.87 5.25
N PHE A 29 -5.56 -0.39 5.02
CA PHE A 29 -4.49 -1.24 4.53
C PHE A 29 -4.01 -2.21 5.61
N THR A 30 -3.70 -3.44 5.19
CA THR A 30 -3.09 -4.42 6.10
C THR A 30 -2.04 -5.21 5.33
N ARG A 31 -1.09 -5.76 6.06
CA ARG A 31 -0.05 -6.57 5.45
C ARG A 31 0.26 -7.70 6.43
N THR A 32 0.09 -8.94 5.97
CA THR A 32 0.31 -10.10 6.83
C THR A 32 1.53 -10.87 6.37
N TRP A 33 2.53 -10.99 7.23
CA TRP A 33 3.69 -11.83 6.97
C TRP A 33 3.44 -13.28 7.41
N GLU A 34 4.23 -14.20 6.84
CA GLU A 34 3.96 -15.62 7.08
C GLU A 34 5.19 -16.47 6.81
N THR A 35 5.32 -17.56 7.57
CA THR A 35 6.36 -18.55 7.35
C THR A 35 5.75 -19.87 6.87
N SER A 36 6.60 -20.72 6.28
CA SER A 36 6.11 -21.97 5.71
C SER A 36 5.54 -22.86 6.81
N HIS A 37 6.31 -23.06 7.89
CA HIS A 37 5.83 -23.75 9.07
C HIS A 37 5.31 -22.75 10.10
N LEU A 38 4.06 -22.92 10.54
CA LEU A 38 3.51 -22.13 11.62
C LEU A 38 3.44 -22.94 12.90
N ARG A 39 3.88 -22.34 14.01
CA ARG A 39 3.70 -22.95 15.33
C ARG A 39 2.26 -22.87 15.79
N SER A 40 1.55 -21.82 15.42
CA SER A 40 0.19 -21.60 15.91
C SER A 40 -0.59 -20.87 14.82
N ASP A 41 -1.91 -21.00 14.86
CA ASP A 41 -2.69 -20.19 13.94
C ASP A 41 -2.95 -18.79 14.49
N VAL A 42 -2.81 -18.58 15.79
CA VAL A 42 -2.98 -17.28 16.44
C VAL A 42 -1.99 -16.26 15.89
N PRO A 43 -2.46 -15.16 15.29
CA PRO A 43 -1.58 -14.11 14.78
C PRO A 43 -1.24 -13.04 15.81
N ILE A 44 -0.14 -12.35 15.53
CA ILE A 44 0.31 -11.20 16.30
C ILE A 44 -0.08 -9.95 15.53
N VAL A 45 -1.02 -9.17 16.05
CA VAL A 45 -1.47 -7.96 15.38
C VAL A 45 -0.69 -6.76 15.90
N LEU A 46 -0.11 -5.98 14.98
CA LEU A 46 0.66 -4.78 15.32
C LEU A 46 -0.19 -3.52 15.22
N LEU A 47 -0.03 -2.62 16.20
CA LEU A 47 -0.64 -1.29 16.22
C LEU A 47 0.47 -0.26 16.29
N HIS A 48 0.53 0.63 15.31
CA HIS A 48 1.59 1.64 15.17
C HIS A 48 1.34 2.90 16.02
N ASP A 49 2.39 3.69 16.17
CA ASP A 49 2.36 4.89 16.99
C ASP A 49 1.67 6.05 16.27
N SER A 50 1.72 7.24 16.88
CA SER A 50 0.91 8.38 16.45
C SER A 50 1.35 8.91 15.09
N LEU A 51 2.61 8.71 14.72
CA LEU A 51 3.12 9.15 13.44
C LEU A 51 3.54 7.99 12.53
N GLY A 52 3.34 6.73 12.96
CA GLY A 52 3.84 5.58 12.25
C GLY A 52 2.81 4.95 11.33
N CYS A 53 3.23 3.84 10.73
CA CYS A 53 2.48 3.10 9.72
C CYS A 53 3.29 1.85 9.40
N VAL A 54 2.65 0.90 8.72
CA VAL A 54 3.30 -0.32 8.20
C VAL A 54 4.69 -0.02 7.65
N ASP A 55 4.80 1.00 6.81
CA ASP A 55 6.10 1.35 6.28
C ASP A 55 7.07 1.65 7.41
N LEU A 56 6.63 2.37 8.45
CA LEU A 56 7.54 2.75 9.51
C LEU A 56 7.85 1.62 10.47
N TRP A 57 7.07 0.54 10.42
CA TRP A 57 7.44 -0.70 11.09
C TRP A 57 8.72 -1.31 10.51
N ARG A 58 9.11 -0.89 9.30
CA ARG A 58 10.35 -1.31 8.60
C ARG A 58 10.43 -2.83 8.52
N SER A 59 11.56 -3.43 8.91
CA SER A 59 11.79 -4.86 8.82
C SER A 59 11.39 -5.62 10.07
N PHE A 60 10.91 -4.92 11.10
CA PHE A 60 10.56 -5.60 12.34
C PHE A 60 9.45 -6.61 12.14
N PRO A 61 8.38 -6.34 11.38
CA PRO A 61 7.33 -7.36 11.28
C PRO A 61 7.84 -8.67 10.74
N ALA A 62 8.80 -8.66 9.81
CA ALA A 62 9.34 -9.90 9.28
C ALA A 62 10.28 -10.57 10.27
N ALA A 63 11.19 -9.80 10.88
CA ALA A 63 12.07 -10.35 11.91
C ALA A 63 11.26 -11.06 12.99
N LEU A 64 10.15 -10.46 13.43
CA LEU A 64 9.32 -11.10 14.45
C LEU A 64 8.63 -12.35 13.92
N CYS A 65 8.16 -12.30 12.66
CA CYS A 65 7.52 -13.46 12.04
C CYS A 65 8.46 -14.64 12.01
N ALA A 66 9.69 -14.42 11.57
CA ALA A 66 10.67 -15.49 11.55
C ALA A 66 10.85 -16.08 12.95
N ALA A 67 11.03 -15.22 13.95
CA ALA A 67 11.39 -15.70 15.28
C ALA A 67 10.21 -16.34 16.02
N THR A 68 8.98 -15.89 15.76
CA THR A 68 7.85 -16.54 16.42
C THR A 68 7.24 -17.70 15.65
N GLN A 69 7.57 -17.88 14.36
CA GLN A 69 6.89 -18.85 13.49
C GLN A 69 5.38 -18.68 13.54
N ARG A 70 4.91 -17.46 13.81
CA ARG A 70 3.50 -17.11 13.79
C ARG A 70 3.24 -16.07 12.71
N ARG A 71 1.98 -15.90 12.32
CA ARG A 71 1.61 -14.81 11.44
C ARG A 71 1.66 -13.46 12.16
N VAL A 72 2.06 -12.42 11.43
CA VAL A 72 2.17 -11.07 11.95
C VAL A 72 1.38 -10.15 11.04
N ILE A 73 0.37 -9.49 11.59
CA ILE A 73 -0.49 -8.57 10.87
C ILE A 73 -0.18 -7.16 11.35
N ALA A 74 0.25 -6.30 10.43
CA ALA A 74 0.32 -4.87 10.67
C ALA A 74 -0.78 -4.20 9.87
N TYR A 75 -1.40 -3.16 10.45
CA TYR A 75 -2.40 -2.41 9.71
C TYR A 75 -2.23 -0.91 9.94
N ASP A 76 -2.54 -0.14 8.91
CA ASP A 76 -2.52 1.31 8.99
C ASP A 76 -3.90 1.79 9.38
N ARG A 77 -3.99 2.44 10.53
CA ARG A 77 -5.27 2.95 10.99
C ARG A 77 -5.86 3.88 9.94
N LEU A 78 -7.19 3.86 9.82
CA LEU A 78 -7.85 4.76 8.88
C LEU A 78 -7.30 6.17 9.08
N GLY A 79 -6.95 6.81 7.96
CA GLY A 79 -6.35 8.12 7.97
C GLY A 79 -4.83 8.11 7.93
N PHE A 80 -4.18 6.96 8.15
CA PHE A 80 -2.72 6.90 8.26
C PHE A 80 -2.08 6.20 7.07
N GLY A 81 -0.78 6.42 6.94
CA GLY A 81 0.11 5.67 6.06
C GLY A 81 -0.38 5.32 4.68
N ARG A 82 -0.80 4.06 4.51
CA ARG A 82 -1.29 3.55 3.23
C ARG A 82 -2.81 3.49 3.13
N SER A 83 -3.54 3.92 4.17
CA SER A 83 -4.99 3.81 4.17
C SER A 83 -5.65 5.06 3.59
N ASP A 84 -6.98 5.00 3.45
CA ASP A 84 -7.75 6.13 2.94
C ASP A 84 -7.66 7.33 3.87
N ALA A 85 -7.73 8.52 3.28
CA ALA A 85 -7.61 9.73 4.08
C ALA A 85 -8.89 9.99 4.86
N CYS A 86 -8.72 10.66 5.99
CA CYS A 86 -9.83 11.05 6.84
C CYS A 86 -9.97 12.56 6.73
N LEU A 87 -11.18 13.05 6.50
CA LEU A 87 -11.33 14.51 6.41
C LEU A 87 -11.58 15.15 7.78
N THR A 88 -12.33 14.47 8.63
CA THR A 88 -12.61 14.95 9.98
C THR A 88 -11.39 14.80 10.87
N PRO A 89 -11.18 15.74 11.80
CA PRO A 89 -10.16 15.53 12.84
C PRO A 89 -10.56 14.38 13.73
N PRO A 90 -9.58 13.63 14.25
CA PRO A 90 -9.90 12.50 15.14
C PRO A 90 -10.62 12.96 16.38
N LEU A 91 -11.52 12.11 16.85
CA LEU A 91 -12.20 12.35 18.11
C LEU A 91 -11.23 12.18 19.27
N LEU A 92 -11.44 13.00 20.31
CA LEU A 92 -10.62 12.88 21.50
C LEU A 92 -10.67 11.48 22.09
N SER A 93 -11.65 10.66 21.69
CA SER A 93 -11.79 9.28 22.15
C SER A 93 -11.10 8.26 21.24
N PHE A 94 -10.17 8.72 20.40
CA PHE A 94 -9.55 7.83 19.41
C PHE A 94 -8.87 6.61 20.05
N ILE A 95 -8.20 6.78 21.19
CA ILE A 95 -7.62 5.63 21.86
C ILE A 95 -8.71 4.64 22.27
N ASP A 96 -9.70 5.12 23.03
CA ASP A 96 -10.76 4.22 23.49
C ASP A 96 -11.53 3.63 22.32
N ASP A 97 -11.65 4.37 21.23
CA ASP A 97 -12.47 3.92 20.11
C ASP A 97 -11.82 2.80 19.31
N GLU A 98 -10.50 2.65 19.38
CA GLU A 98 -9.81 1.77 18.43
C GLU A 98 -10.31 0.32 18.44
N PRO A 99 -10.58 -0.33 19.58
CA PRO A 99 -11.09 -1.71 19.50
C PRO A 99 -12.39 -1.80 18.78
N SER A 100 -13.04 -0.68 18.52
CA SER A 100 -14.32 -0.69 17.86
C SER A 100 -14.26 -0.05 16.47
N THR A 101 -13.12 0.54 16.07
CA THR A 101 -13.00 1.19 14.75
C THR A 101 -12.21 0.34 13.77
N SER A 102 -11.02 0.80 13.37
CA SER A 102 -10.17 0.03 12.45
C SER A 102 -9.97 -1.39 12.95
N PHE A 103 -9.46 -1.54 14.17
CA PHE A 103 -9.22 -2.88 14.72
C PHE A 103 -10.46 -3.76 14.60
N ALA A 104 -11.64 -3.19 14.80
CA ALA A 104 -12.87 -3.96 14.69
C ALA A 104 -13.02 -4.56 13.30
N ALA A 105 -12.91 -3.72 12.26
CA ALA A 105 -13.02 -4.21 10.89
C ALA A 105 -11.98 -5.29 10.63
N LEU A 106 -10.73 -5.04 11.01
CA LEU A 106 -9.69 -6.06 10.85
C LEU A 106 -10.08 -7.35 11.56
N GLN A 107 -10.33 -7.26 12.87
CA GLN A 107 -10.73 -8.42 13.65
C GLN A 107 -11.84 -9.19 12.96
N SER A 108 -12.75 -8.49 12.31
CA SER A 108 -13.88 -9.14 11.66
C SER A 108 -13.48 -9.70 10.29
N ALA A 109 -12.94 -8.85 9.42
CA ALA A 109 -12.50 -9.26 8.09
C ALA A 109 -11.66 -10.53 8.13
N PHE A 110 -10.82 -10.68 9.14
CA PHE A 110 -9.98 -11.85 9.27
C PHE A 110 -10.55 -12.87 10.23
N GLN A 111 -11.71 -12.61 10.81
CA GLN A 111 -12.36 -13.53 11.74
C GLN A 111 -11.38 -14.02 12.80
N LEU A 112 -10.81 -13.07 13.53
CA LEU A 112 -9.73 -13.36 14.49
C LEU A 112 -10.35 -13.82 15.81
N THR A 113 -10.55 -15.13 15.95
CA THR A 113 -11.01 -15.67 17.22
C THR A 113 -9.93 -15.61 18.31
N HIS A 114 -8.66 -15.50 17.93
CA HIS A 114 -7.55 -15.47 18.86
C HIS A 114 -6.49 -14.55 18.28
N PHE A 115 -5.92 -13.70 19.12
CA PHE A 115 -4.78 -12.92 18.68
C PHE A 115 -3.87 -12.60 19.85
N ILE A 116 -2.65 -12.22 19.50
CA ILE A 116 -1.73 -11.51 20.39
C ILE A 116 -1.64 -10.08 19.87
N ALA A 117 -1.81 -9.09 20.77
CA ALA A 117 -1.75 -7.66 20.42
C ALA A 117 -0.40 -7.06 20.82
N LEU A 118 0.22 -6.34 19.89
CA LEU A 118 1.43 -5.56 20.15
C LEU A 118 1.21 -4.12 19.71
N GLY A 119 1.57 -3.17 20.58
CA GLY A 119 1.43 -1.76 20.27
C GLY A 119 2.66 -0.95 20.61
N HIS A 120 2.90 0.07 19.81
CA HIS A 120 4.00 1.01 20.05
C HIS A 120 3.42 2.39 20.32
N SER A 121 3.98 3.07 21.32
CA SER A 121 3.53 4.38 21.85
C SER A 121 2.01 4.36 22.05
N VAL A 122 1.26 5.34 21.52
CA VAL A 122 -0.19 5.34 21.65
C VAL A 122 -0.82 4.05 21.12
N GLY A 123 -0.14 3.35 20.20
CA GLY A 123 -0.65 2.08 19.74
C GLY A 123 -0.65 1.03 20.84
N GLY A 124 0.42 1.02 21.66
CA GLY A 124 0.39 0.26 22.90
C GLY A 124 -0.83 0.58 23.75
N CYS A 125 -1.18 1.87 23.88
CA CYS A 125 -2.40 2.22 24.60
C CYS A 125 -3.62 1.53 24.00
N MET A 126 -3.73 1.54 22.65
CA MET A 126 -4.90 0.92 22.03
C MET A 126 -4.82 -0.59 22.12
N ALA A 127 -3.61 -1.15 22.09
CA ALA A 127 -3.45 -2.59 22.31
C ALA A 127 -3.98 -2.99 23.69
N VAL A 128 -3.80 -2.11 24.68
CA VAL A 128 -4.34 -2.37 26.01
C VAL A 128 -5.86 -2.40 25.96
N HIS A 129 -6.46 -1.39 25.32
CA HIS A 129 -7.91 -1.39 25.12
C HIS A 129 -8.37 -2.63 24.36
N CYS A 130 -7.63 -3.03 23.33
CA CYS A 130 -7.97 -4.27 22.62
C CYS A 130 -7.92 -5.48 23.53
N ALA A 131 -6.88 -5.57 24.38
CA ALA A 131 -6.74 -6.73 25.25
C ALA A 131 -7.92 -6.89 26.19
N GLY A 132 -8.45 -5.79 26.73
CA GLY A 132 -9.58 -5.89 27.65
C GLY A 132 -10.93 -5.95 26.97
N GLN A 133 -11.07 -5.24 25.84
CA GLN A 133 -12.28 -5.33 25.03
C GLN A 133 -12.46 -6.72 24.44
N TYR A 134 -11.36 -7.37 24.05
CA TYR A 134 -11.44 -8.69 23.45
C TYR A 134 -10.88 -9.69 24.45
N VAL A 135 -11.43 -9.68 25.66
CA VAL A 135 -10.82 -10.43 26.74
C VAL A 135 -10.75 -11.91 26.40
N GLU A 136 -11.76 -12.42 25.69
CA GLU A 136 -11.83 -13.85 25.32
C GLU A 136 -10.85 -14.22 24.21
N GLN A 137 -10.55 -13.30 23.30
CA GLN A 137 -9.71 -13.61 22.16
C GLN A 137 -8.25 -13.29 22.37
N CYS A 138 -7.92 -12.39 23.29
CA CYS A 138 -6.56 -11.88 23.38
C CYS A 138 -5.76 -12.74 24.35
N GLN A 139 -4.84 -13.52 23.81
CA GLN A 139 -4.02 -14.40 24.63
C GLN A 139 -2.77 -13.75 25.16
N GLY A 140 -2.37 -12.62 24.60
CA GLY A 140 -1.16 -11.94 25.05
C GLY A 140 -1.18 -10.48 24.64
N LEU A 141 -0.37 -9.69 25.35
CA LEU A 141 -0.27 -8.28 25.06
C LEU A 141 1.16 -7.81 25.31
N ILE A 142 1.68 -7.00 24.38
CA ILE A 142 3.01 -6.39 24.47
C ILE A 142 2.83 -4.89 24.25
N THR A 143 3.50 -4.08 25.06
CA THR A 143 3.50 -2.65 24.87
C THR A 143 4.95 -2.20 24.70
N ILE A 144 5.19 -1.27 23.76
CA ILE A 144 6.52 -0.71 23.53
C ILE A 144 6.41 0.80 23.62
N ALA A 145 6.97 1.38 24.71
CA ALA A 145 6.95 2.82 25.03
C ALA A 145 5.54 3.37 25.22
N ALA A 146 4.58 2.52 25.57
CA ALA A 146 3.21 2.95 25.80
C ALA A 146 3.10 3.90 27.00
N GLN A 147 2.07 4.73 26.96
CA GLN A 147 1.80 5.71 28.02
C GLN A 147 0.78 5.13 28.98
N ALA A 148 1.08 5.17 30.29
CA ALA A 148 0.05 4.89 31.29
C ALA A 148 -0.66 6.15 31.74
N VAL A 149 0.08 7.25 31.89
CA VAL A 149 -0.48 8.55 32.23
C VAL A 149 0.11 9.56 31.27
N ASN A 150 -0.55 10.71 31.19
CA ASN A 150 0.08 11.87 30.59
C ASN A 150 1.06 12.47 31.60
N GLU A 151 2.11 13.11 31.10
CA GLU A 151 3.16 13.57 32.00
C GLU A 151 3.85 14.76 31.39
N PRO A 152 4.47 15.63 32.21
CA PRO A 152 5.08 16.84 31.64
C PRO A 152 6.10 16.56 30.57
N ARG A 153 6.85 15.45 30.68
CA ARG A 153 7.87 15.16 29.69
C ARG A 153 7.25 14.88 28.32
N THR A 154 6.13 14.14 28.30
CA THR A 154 5.42 13.90 27.05
C THR A 154 5.00 15.22 26.40
N GLN A 155 4.20 16.01 27.14
CA GLN A 155 3.71 17.28 26.63
C GLN A 155 4.84 18.13 26.07
N GLN A 156 5.98 18.15 26.76
CA GLN A 156 7.10 18.96 26.31
C GLN A 156 7.60 18.51 24.93
N GLY A 157 7.96 17.24 24.79
CA GLY A 157 8.54 16.75 23.54
C GLY A 157 7.62 16.92 22.33
N ILE A 158 6.33 16.70 22.51
CA ILE A 158 5.37 16.97 21.44
C ILE A 158 5.47 18.43 21.03
N GLU A 159 5.53 19.31 22.03
CA GLU A 159 5.54 20.75 21.79
C GLU A 159 6.79 21.19 21.04
N GLU A 160 7.96 20.69 21.46
CA GLU A 160 9.16 20.93 20.66
C GLU A 160 9.01 20.34 19.26
N ALA A 161 8.38 19.16 19.15
CA ALA A 161 8.16 18.56 17.84
C ALA A 161 7.28 19.46 16.96
N ARG A 162 6.28 20.11 17.57
CA ARG A 162 5.41 21.01 16.81
C ARG A 162 6.18 22.17 16.23
N ALA A 163 7.18 22.66 16.95
CA ALA A 163 8.02 23.70 16.36
C ALA A 163 8.87 23.12 15.23
N ALA A 164 9.43 21.92 15.45
CA ALA A 164 10.40 21.37 14.53
C ALA A 164 9.77 20.95 13.20
N PHE A 165 8.54 20.43 13.21
CA PHE A 165 7.86 20.08 11.98
C PHE A 165 7.38 21.30 11.19
N GLN A 166 7.89 22.48 11.48
CA GLN A 166 7.65 23.60 10.59
C GLN A 166 8.77 23.78 9.60
N MET A 167 9.97 23.36 9.94
CA MET A 167 11.05 23.16 8.97
C MET A 167 10.57 22.25 7.84
N PRO A 168 10.57 22.72 6.59
CA PRO A 168 10.20 21.85 5.47
C PRO A 168 10.99 20.55 5.40
N GLU A 169 12.29 20.56 5.69
CA GLU A 169 13.05 19.30 5.69
C GLU A 169 12.53 18.35 6.76
N GLN A 170 11.93 18.89 7.83
CA GLN A 170 11.35 18.01 8.83
C GLN A 170 9.99 17.49 8.38
N PHE A 171 9.09 18.40 8.01
CA PHE A 171 7.75 17.98 7.63
C PHE A 171 7.78 17.07 6.43
N ALA A 172 8.79 17.20 5.57
CA ALA A 172 8.91 16.33 4.40
C ALA A 172 9.14 14.89 4.81
N LYS A 173 9.90 14.68 5.89
CA LYS A 173 10.09 13.33 6.40
C LYS A 173 8.75 12.68 6.71
N LEU A 174 7.79 13.46 7.19
CA LEU A 174 6.45 12.94 7.47
C LEU A 174 5.70 12.68 6.18
N GLU A 175 5.93 13.49 5.15
CA GLU A 175 5.21 13.31 3.89
C GLU A 175 5.61 12.02 3.20
N LYS A 176 6.85 11.57 3.39
CA LYS A 176 7.29 10.34 2.75
C LYS A 176 6.48 9.14 3.24
N TYR A 177 5.84 9.24 4.39
CA TYR A 177 5.17 8.08 4.96
C TYR A 177 3.65 8.19 5.02
N HIS A 178 3.08 9.39 4.85
CA HIS A 178 1.62 9.53 4.83
C HIS A 178 1.12 10.32 3.63
N GLY A 179 2.03 10.82 2.79
CA GLY A 179 1.64 11.64 1.66
C GLY A 179 0.87 12.88 2.09
N ASN A 180 -0.15 13.23 1.31
CA ASN A 180 -0.99 14.37 1.62
C ASN A 180 -1.62 14.28 3.00
N LYS A 181 -1.68 13.08 3.57
CA LYS A 181 -2.31 12.93 4.89
C LYS A 181 -1.38 13.32 6.01
N ALA A 182 -0.14 13.74 5.71
CA ALA A 182 0.82 14.12 6.74
C ALA A 182 0.25 15.20 7.69
N ARG A 183 -0.39 16.23 7.15
CA ARG A 183 -0.88 17.26 8.05
C ARG A 183 -1.95 16.72 8.99
N TRP A 184 -2.88 15.91 8.47
CA TRP A 184 -3.90 15.38 9.35
C TRP A 184 -3.29 14.50 10.44
N VAL A 185 -2.29 13.68 10.07
CA VAL A 185 -1.58 12.86 11.04
C VAL A 185 -0.89 13.74 12.10
N LEU A 186 -0.13 14.76 11.67
CA LEU A 186 0.56 15.63 12.62
C LEU A 186 -0.42 16.37 13.52
N ASN A 187 -1.47 16.95 12.94
CA ASN A 187 -2.45 17.65 13.76
C ASN A 187 -3.20 16.69 14.67
N GLY A 188 -3.46 15.47 14.20
CA GLY A 188 -4.15 14.50 15.04
C GLY A 188 -3.34 14.11 16.27
N TRP A 189 -2.02 14.18 16.15
CA TRP A 189 -1.12 13.93 17.27
C TRP A 189 -1.15 15.07 18.26
N ILE A 190 -0.87 16.29 17.77
CA ILE A 190 -0.73 17.46 18.64
C ILE A 190 -2.06 17.84 19.24
N ASP A 191 -3.10 17.96 18.42
CA ASP A 191 -4.33 18.56 18.91
C ASP A 191 -5.02 17.68 19.95
N THR A 192 -4.81 16.37 19.90
CA THR A 192 -5.38 15.55 20.97
C THR A 192 -4.53 15.65 22.24
N TRP A 193 -3.23 15.31 22.15
CA TRP A 193 -2.50 15.12 23.39
C TRP A 193 -2.35 16.40 24.18
N LEU A 194 -2.31 17.54 23.50
CA LEU A 194 -2.14 18.85 24.12
C LEU A 194 -3.45 19.46 24.54
N HIS A 195 -4.57 18.91 24.08
CA HIS A 195 -5.88 19.33 24.54
C HIS A 195 -5.98 19.19 26.06
N PRO A 196 -6.73 20.08 26.73
CA PRO A 196 -6.83 19.98 28.18
C PRO A 196 -7.45 18.66 28.63
N ALA A 197 -8.36 18.08 27.83
CA ALA A 197 -8.99 16.79 28.13
C ALA A 197 -7.99 15.64 28.16
N PHE A 198 -6.73 15.91 27.86
CA PHE A 198 -5.71 14.88 27.97
C PHE A 198 -4.73 15.15 29.09
N GLU A 199 -4.83 16.32 29.74
CA GLU A 199 -3.85 16.68 30.76
C GLU A 199 -3.81 15.67 31.91
N HIS A 200 -4.96 15.13 32.30
CA HIS A 200 -5.02 14.13 33.36
C HIS A 200 -5.56 12.79 32.89
N TRP A 201 -5.48 12.50 31.59
CA TRP A 201 -5.87 11.20 31.07
C TRP A 201 -5.01 10.10 31.71
N SER A 202 -5.62 8.92 31.92
CA SER A 202 -4.87 7.78 32.44
C SER A 202 -5.28 6.48 31.73
N LEU A 203 -4.30 5.60 31.49
CA LEU A 203 -4.62 4.28 30.94
C LEU A 203 -5.10 3.29 32.01
N THR A 204 -5.15 3.74 33.28
CA THR A 204 -5.41 2.87 34.41
C THR A 204 -6.75 2.13 34.37
N PRO A 205 -7.89 2.78 34.12
CA PRO A 205 -9.13 2.00 34.01
C PRO A 205 -9.05 0.93 32.94
N ALA A 206 -8.37 1.21 31.81
CA ALA A 206 -8.22 0.19 30.78
C ALA A 206 -7.31 -0.94 31.24
N LEU A 207 -6.17 -0.62 31.85
CA LEU A 207 -5.22 -1.65 32.27
C LEU A 207 -5.84 -2.66 33.24
N GLN A 208 -6.79 -2.23 34.07
CA GLN A 208 -7.42 -3.09 35.07
C GLN A 208 -8.45 -4.05 34.46
N HIS A 209 -8.62 -4.05 33.15
CA HIS A 209 -9.48 -5.01 32.48
C HIS A 209 -8.66 -5.89 31.55
N VAL A 210 -7.34 -5.81 31.65
CA VAL A 210 -6.43 -6.64 30.89
C VAL A 210 -6.10 -7.85 31.76
N HIS A 211 -6.56 -9.03 31.33
CA HIS A 211 -6.35 -10.24 32.11
C HIS A 211 -5.25 -11.14 31.56
N CYS A 212 -4.90 -11.03 30.28
CA CYS A 212 -3.87 -11.86 29.70
C CYS A 212 -2.51 -11.47 30.25
N PRO A 213 -1.47 -12.28 30.01
CA PRO A 213 -0.11 -11.83 30.30
C PRO A 213 0.31 -10.64 29.43
N THR A 214 1.25 -9.85 29.96
CA THR A 214 1.65 -8.58 29.39
C THR A 214 3.16 -8.44 29.50
N LEU A 215 3.81 -8.03 28.41
CA LEU A 215 5.23 -7.75 28.38
C LEU A 215 5.39 -6.25 28.12
N VAL A 216 6.03 -5.54 29.06
CA VAL A 216 6.11 -4.09 29.03
C VAL A 216 7.54 -3.72 28.67
N LEU A 217 7.72 -3.15 27.48
CA LEU A 217 9.04 -2.75 27.00
C LEU A 217 9.08 -1.23 26.96
N HIS A 218 10.25 -0.68 27.28
CA HIS A 218 10.44 0.76 27.40
C HIS A 218 11.91 1.09 27.41
N GLY A 219 12.28 2.13 26.66
CA GLY A 219 13.68 2.54 26.59
C GLY A 219 14.07 3.34 27.81
N GLU A 220 15.27 3.07 28.33
CA GLU A 220 15.77 3.79 29.48
C GLU A 220 15.78 5.29 29.23
N ASN A 221 16.18 5.71 28.01
CA ASN A 221 16.29 7.11 27.60
C ASN A 221 15.12 7.58 26.74
N ASP A 222 13.97 6.94 26.84
CA ASP A 222 12.78 7.38 26.09
C ASP A 222 12.58 8.88 26.20
N GLU A 223 12.68 9.55 25.05
CA GLU A 223 12.63 11.01 24.98
C GLU A 223 11.30 11.57 25.48
N TYR A 224 10.25 10.75 25.54
CA TYR A 224 8.89 11.24 25.70
C TYR A 224 8.26 10.85 27.02
N GLY A 225 8.73 9.77 27.64
CA GLY A 225 8.05 9.19 28.78
C GLY A 225 8.97 8.64 29.84
N SER A 226 8.78 9.11 31.07
CA SER A 226 9.57 8.68 32.21
C SER A 226 9.22 7.25 32.60
N HIS A 227 10.02 6.72 33.52
CA HIS A 227 9.79 5.35 33.98
C HIS A 227 8.51 5.22 34.79
N ARG A 228 7.84 6.34 35.10
CA ARG A 228 6.45 6.29 35.51
C ARG A 228 5.63 5.39 34.60
N GLN A 229 5.88 5.49 33.28
CA GLN A 229 5.00 4.85 32.30
C GLN A 229 5.08 3.32 32.31
N PRO A 230 6.24 2.69 32.17
CA PRO A 230 6.25 1.22 32.24
C PRO A 230 5.79 0.70 33.60
N GLU A 231 6.05 1.43 34.69
CA GLU A 231 5.56 1.02 35.99
C GLU A 231 4.04 1.09 36.09
N GLY A 232 3.45 2.16 35.57
CA GLY A 232 2.00 2.23 35.52
C GLY A 232 1.38 1.07 34.76
N ILE A 233 1.96 0.72 33.62
CA ILE A 233 1.42 -0.39 32.83
C ILE A 233 1.56 -1.70 33.58
N ALA A 234 2.78 -2.02 34.06
CA ALA A 234 2.97 -3.31 34.71
C ALA A 234 2.18 -3.43 36.01
N ARG A 235 1.96 -2.31 36.73
CA ARG A 235 1.34 -2.34 38.05
C ARG A 235 -0.16 -2.55 37.98
N HIS A 236 -0.85 -1.91 37.05
CA HIS A 236 -2.31 -1.95 37.03
C HIS A 236 -2.88 -3.05 36.15
N THR A 237 -2.03 -3.86 35.52
CA THR A 237 -2.52 -5.03 34.79
C THR A 237 -3.09 -6.06 35.77
N ARG A 238 -4.29 -6.52 35.45
CA ARG A 238 -4.94 -7.57 36.24
C ARG A 238 -4.24 -8.92 36.03
N GLY A 239 -3.78 -9.21 34.80
CA GLY A 239 -2.98 -10.40 34.54
C GLY A 239 -1.52 -10.17 34.90
N PRO A 240 -0.70 -11.21 34.71
CA PRO A 240 0.72 -11.06 35.02
C PRO A 240 1.38 -10.07 34.07
N ALA A 241 2.43 -9.41 34.56
CA ALA A 241 3.16 -8.42 33.78
C ALA A 241 4.65 -8.56 34.06
N HIS A 242 5.45 -8.34 33.03
CA HIS A 242 6.90 -8.41 33.12
C HIS A 242 7.44 -7.20 32.38
N THR A 243 8.50 -6.61 32.91
CA THR A 243 9.02 -5.37 32.38
C THR A 243 10.45 -5.58 31.89
N GLU A 244 10.79 -4.97 30.75
CA GLU A 244 12.18 -4.83 30.31
C GLU A 244 12.41 -3.37 29.94
N ILE A 245 13.13 -2.66 30.80
CA ILE A 245 13.69 -1.34 30.50
C ILE A 245 14.92 -1.54 29.62
N LEU A 246 14.88 -1.05 28.40
CA LEU A 246 15.98 -1.33 27.49
C LEU A 246 17.07 -0.30 27.69
N PRO A 247 18.28 -0.71 28.10
CA PRO A 247 19.35 0.27 28.36
C PRO A 247 19.77 0.96 27.07
N GLY A 248 19.92 2.29 27.16
CA GLY A 248 20.41 3.15 26.10
C GLY A 248 19.46 3.38 24.95
N VAL A 249 18.20 3.01 25.10
CA VAL A 249 17.22 3.06 24.03
C VAL A 249 16.25 4.21 24.31
N GLY A 250 15.70 4.78 23.24
CA GLY A 250 14.72 5.86 23.30
C GLY A 250 13.31 5.37 23.02
N HIS A 251 12.55 6.20 22.30
CA HIS A 251 11.13 5.97 22.03
C HIS A 251 10.84 4.97 20.92
N VAL A 252 11.83 4.48 20.17
CA VAL A 252 11.53 3.52 19.10
C VAL A 252 12.43 2.29 19.19
N PRO A 253 12.23 1.40 20.17
CA PRO A 253 13.12 0.23 20.28
C PRO A 253 13.08 -0.69 19.06
N HIS A 254 11.90 -0.91 18.45
CA HIS A 254 11.82 -1.85 17.33
C HIS A 254 12.69 -1.38 16.16
N ARG A 255 12.90 -0.08 16.02
CA ARG A 255 13.89 0.41 15.08
C ARG A 255 15.25 0.62 15.71
N GLU A 256 15.34 0.92 17.01
CA GLU A 256 16.65 1.14 17.61
C GLU A 256 17.41 -0.16 17.88
N VAL A 257 16.71 -1.21 18.33
CA VAL A 257 17.35 -2.47 18.68
C VAL A 257 16.40 -3.59 18.30
N GLU A 258 16.23 -3.79 16.99
CA GLU A 258 15.20 -4.70 16.48
C GLU A 258 15.38 -6.11 17.04
N ALA A 259 16.60 -6.65 16.96
CA ALA A 259 16.84 -8.03 17.39
C ALA A 259 16.48 -8.24 18.86
N VAL A 260 16.91 -7.30 19.72
CA VAL A 260 16.58 -7.30 21.14
C VAL A 260 15.07 -7.33 21.36
N VAL A 261 14.34 -6.39 20.74
CA VAL A 261 12.88 -6.38 20.85
C VAL A 261 12.30 -7.70 20.35
N VAL A 262 12.78 -8.18 19.19
CA VAL A 262 12.27 -9.43 18.64
C VAL A 262 12.52 -10.58 19.60
N HIS A 263 13.70 -10.58 20.24
CA HIS A 263 14.05 -11.62 21.20
C HIS A 263 13.07 -11.63 22.38
N TYR A 264 12.87 -10.48 23.04
CA TYR A 264 11.98 -10.44 24.19
C TYR A 264 10.54 -10.77 23.83
N VAL A 265 10.07 -10.27 22.68
CA VAL A 265 8.68 -10.53 22.31
C VAL A 265 8.48 -12.01 21.98
N SER A 266 9.42 -12.60 21.24
CA SER A 266 9.24 -13.99 20.83
C SER A 266 9.29 -14.90 22.05
N GLU A 267 10.30 -14.72 22.92
CA GLU A 267 10.36 -15.48 24.17
C GLU A 267 9.07 -15.33 24.98
N PHE A 268 8.58 -14.10 25.14
CA PHE A 268 7.34 -13.89 25.89
C PHE A 268 6.21 -14.72 25.30
N ILE A 269 6.05 -14.69 23.98
CA ILE A 269 4.91 -15.34 23.34
C ILE A 269 5.00 -16.85 23.51
N GLU A 270 6.20 -17.42 23.35
CA GLU A 270 6.37 -18.87 23.50
C GLU A 270 6.05 -19.31 24.93
N ARG A 271 6.57 -18.59 25.89
CA ARG A 271 6.23 -18.85 27.27
C ARG A 271 4.74 -18.68 27.58
N LEU A 272 3.82 -18.44 26.65
CA LEU A 272 2.44 -18.23 27.07
C LEU A 272 1.74 -19.55 27.31
N THR A 273 2.15 -20.61 26.63
CA THR A 273 1.52 -21.93 26.83
C THR A 273 1.84 -22.49 28.21
N PRO A 274 0.84 -22.84 29.02
CA PRO A 274 1.13 -23.53 30.27
C PRO A 274 1.84 -24.85 29.95
N GLY A 275 2.71 -25.25 30.87
CA GLY A 275 3.55 -26.41 30.64
C GLY A 275 4.95 -26.08 30.20
N THR A 276 5.17 -24.93 29.70
CA THR A 276 6.49 -24.49 29.30
C THR A 276 7.20 -23.81 30.47
N PRO A 277 8.53 -23.72 30.46
CA PRO A 277 9.23 -22.92 31.50
C PRO A 277 8.90 -21.44 31.36
N GLY A 278 8.34 -20.84 32.41
CA GLY A 278 7.86 -19.46 32.39
C GLY A 278 6.35 -19.31 32.43
N ALA A 279 5.59 -20.38 32.27
CA ALA A 279 4.17 -20.39 32.61
C ALA A 279 3.87 -21.74 33.25
N PRO A 280 3.51 -21.79 34.54
CA PRO A 280 3.24 -23.08 35.21
C PRO A 280 2.12 -23.88 34.55
N ALA A 281 1.97 -25.13 34.99
CA ALA A 281 0.93 -26.02 34.49
C ALA A 281 -0.23 -26.12 35.50
N PRO B 12 13.24 -18.95 -8.09
CA PRO B 12 12.43 -18.69 -9.28
C PRO B 12 11.62 -17.41 -9.17
N GLU B 13 10.44 -17.45 -8.52
CA GLU B 13 9.48 -16.36 -8.42
C GLU B 13 10.16 -14.98 -8.33
N PRO B 14 9.58 -13.93 -8.92
CA PRO B 14 10.24 -12.63 -8.85
C PRO B 14 9.83 -11.87 -7.61
N ILE B 15 10.80 -11.14 -7.04
CA ILE B 15 10.55 -10.26 -5.91
C ILE B 15 9.98 -8.93 -6.41
N PHE B 16 9.40 -8.17 -5.49
CA PHE B 16 9.01 -6.81 -5.77
C PHE B 16 9.28 -5.95 -4.53
N GLN B 17 9.55 -4.66 -4.77
CA GLN B 17 9.74 -3.67 -3.73
C GLN B 17 8.77 -2.53 -3.97
N ASP B 18 8.16 -2.02 -2.90
CA ASP B 18 7.40 -0.79 -3.03
C ASP B 18 8.33 0.41 -2.89
N ARG B 19 7.91 1.54 -3.45
CA ARG B 19 8.72 2.76 -3.46
C ARG B 19 7.78 3.91 -3.74
N TRP B 20 7.84 4.94 -2.92
CA TRP B 20 6.97 6.09 -3.05
C TRP B 20 7.66 7.18 -3.84
N VAL B 21 6.88 7.91 -4.62
CA VAL B 21 7.42 8.95 -5.48
C VAL B 21 6.68 10.25 -5.18
N ALA B 22 7.43 11.31 -4.93
CA ALA B 22 6.80 12.58 -4.56
C ALA B 22 6.37 13.35 -5.81
N THR B 23 5.26 14.06 -5.69
CA THR B 23 4.84 15.02 -6.71
C THR B 23 4.34 16.29 -6.04
N PRO B 24 4.37 17.43 -6.76
CA PRO B 24 3.69 18.64 -6.27
C PRO B 24 2.36 18.36 -5.60
N ARG B 25 1.47 17.60 -6.23
CA ARG B 25 0.10 17.43 -5.74
C ARG B 25 -0.08 16.27 -4.76
N GLY B 26 0.98 15.50 -4.43
CA GLY B 26 0.81 14.32 -3.60
C GLY B 26 1.63 13.08 -3.97
N ARG B 27 1.49 12.03 -3.18
CA ARG B 27 2.36 10.87 -3.25
C ARG B 27 1.83 9.81 -4.21
N VAL B 28 2.73 9.26 -5.04
CA VAL B 28 2.40 8.29 -6.09
C VAL B 28 3.06 6.96 -5.73
N PHE B 29 2.26 5.89 -5.73
CA PHE B 29 2.73 4.55 -5.37
C PHE B 29 3.32 3.81 -6.58
N THR B 30 4.42 3.09 -6.34
CA THR B 30 5.01 2.25 -7.38
C THR B 30 5.44 0.92 -6.79
N ARG B 31 5.35 -0.12 -7.61
CA ARG B 31 5.81 -1.45 -7.27
C ARG B 31 6.73 -1.88 -8.39
N THR B 32 7.84 -2.54 -8.03
CA THR B 32 8.86 -2.90 -9.00
C THR B 32 9.29 -4.34 -8.77
N TRP B 33 9.07 -5.20 -9.78
CA TRP B 33 9.48 -6.60 -9.74
C TRP B 33 10.87 -6.81 -10.34
N GLU B 34 11.51 -7.90 -9.90
CA GLU B 34 12.85 -8.25 -10.36
C GLU B 34 13.00 -9.77 -10.30
N THR B 35 13.94 -10.27 -11.09
CA THR B 35 14.33 -11.65 -11.02
C THR B 35 15.77 -11.73 -10.56
N SER B 36 16.20 -12.93 -10.18
CA SER B 36 17.53 -13.09 -9.62
C SER B 36 18.60 -12.59 -10.57
N HIS B 37 18.53 -12.99 -11.84
CA HIS B 37 19.41 -12.47 -12.87
C HIS B 37 18.61 -11.69 -13.87
N LEU B 38 19.10 -10.49 -14.20
CA LEU B 38 18.48 -9.64 -15.19
C LEU B 38 19.23 -9.77 -16.50
N ARG B 39 18.48 -9.74 -17.61
CA ARG B 39 19.10 -9.65 -18.93
C ARG B 39 19.35 -8.21 -19.36
N SER B 40 18.75 -7.24 -18.68
CA SER B 40 18.89 -5.84 -19.06
C SER B 40 18.51 -4.96 -17.89
N ASP B 41 19.21 -3.85 -17.75
CA ASP B 41 18.83 -2.87 -16.76
C ASP B 41 17.66 -2.00 -17.21
N VAL B 42 17.34 -2.01 -18.50
CA VAL B 42 16.29 -1.14 -19.02
C VAL B 42 14.95 -1.73 -18.58
N PRO B 43 14.12 -0.97 -17.84
CA PRO B 43 12.90 -1.54 -17.26
C PRO B 43 11.66 -1.31 -18.10
N ILE B 44 10.58 -2.04 -17.80
CA ILE B 44 9.28 -1.85 -18.43
C ILE B 44 8.35 -1.14 -17.45
N VAL B 45 7.78 0.00 -17.86
CA VAL B 45 6.89 0.82 -17.05
C VAL B 45 5.45 0.61 -17.54
N LEU B 46 4.56 0.19 -16.64
CA LEU B 46 3.17 -0.11 -17.00
C LEU B 46 2.24 1.05 -16.62
N LEU B 47 1.43 1.50 -17.59
CA LEU B 47 0.42 2.55 -17.40
C LEU B 47 -0.98 1.93 -17.39
N HIS B 48 -1.70 2.09 -16.28
CA HIS B 48 -2.97 1.38 -16.09
C HIS B 48 -4.08 2.08 -16.85
N ASP B 49 -5.28 1.52 -16.80
CA ASP B 49 -6.40 2.03 -17.58
C ASP B 49 -7.19 3.05 -16.76
N SER B 50 -8.41 3.35 -17.19
CA SER B 50 -9.20 4.40 -16.54
C SER B 50 -9.70 3.98 -15.16
N LEU B 51 -9.83 2.68 -14.91
CA LEU B 51 -10.31 2.17 -13.63
C LEU B 51 -9.30 1.23 -13.00
N GLY B 52 -8.05 1.28 -13.43
CA GLY B 52 -7.04 0.32 -13.04
C GLY B 52 -6.08 0.85 -11.98
N CYS B 53 -5.21 -0.04 -11.55
CA CYS B 53 -4.20 0.23 -10.54
C CYS B 53 -3.29 -1.00 -10.47
N VAL B 54 -2.17 -0.84 -9.77
CA VAL B 54 -1.26 -1.95 -9.52
C VAL B 54 -2.03 -3.20 -9.11
N ASP B 55 -2.92 -3.05 -8.13
CA ASP B 55 -3.66 -4.21 -7.64
C ASP B 55 -4.47 -4.87 -8.76
N LEU B 56 -4.95 -4.09 -9.72
CA LEU B 56 -5.72 -4.71 -10.78
C LEU B 56 -4.84 -5.24 -11.92
N TRP B 57 -3.54 -4.93 -11.94
CA TRP B 57 -2.63 -5.65 -12.83
C TRP B 57 -2.47 -7.10 -12.42
N ARG B 58 -2.96 -7.48 -11.22
CA ARG B 58 -2.99 -8.85 -10.66
C ARG B 58 -1.63 -9.52 -10.89
N SER B 59 -1.58 -10.70 -11.49
CA SER B 59 -0.32 -11.43 -11.65
C SER B 59 0.47 -11.01 -12.87
N PHE B 60 -0.06 -10.13 -13.72
CA PHE B 60 0.62 -9.80 -14.98
C PHE B 60 2.03 -9.26 -14.77
N PRO B 61 2.28 -8.32 -13.87
CA PRO B 61 3.67 -7.84 -13.73
C PRO B 61 4.67 -8.92 -13.35
N ALA B 62 4.37 -9.78 -12.39
CA ALA B 62 5.27 -10.89 -12.07
C ALA B 62 5.52 -11.78 -13.30
N ALA B 63 4.44 -12.20 -13.99
CA ALA B 63 4.60 -13.08 -15.15
C ALA B 63 5.49 -12.44 -16.21
N LEU B 64 5.26 -11.15 -16.53
CA LEU B 64 6.10 -10.45 -17.48
C LEU B 64 7.52 -10.31 -16.99
N CYS B 65 7.72 -10.07 -15.69
CA CYS B 65 9.08 -9.96 -15.17
C CYS B 65 9.81 -11.28 -15.32
N ALA B 66 9.15 -12.38 -14.94
CA ALA B 66 9.77 -13.69 -15.07
C ALA B 66 10.16 -13.98 -16.51
N ALA B 67 9.28 -13.68 -17.47
CA ALA B 67 9.54 -14.01 -18.87
C ALA B 67 10.62 -13.12 -19.50
N THR B 68 10.71 -11.85 -19.11
CA THR B 68 11.62 -10.94 -19.77
C THR B 68 12.95 -10.80 -19.05
N GLN B 69 13.02 -11.30 -17.81
CA GLN B 69 14.09 -11.02 -16.86
C GLN B 69 14.45 -9.54 -16.89
N ARG B 70 13.45 -8.67 -16.92
CA ARG B 70 13.62 -7.23 -16.87
C ARG B 70 12.88 -6.67 -15.67
N ARG B 71 13.36 -5.54 -15.14
CA ARG B 71 12.58 -4.84 -14.11
C ARG B 71 11.23 -4.43 -14.66
N VAL B 72 10.18 -4.66 -13.89
CA VAL B 72 8.85 -4.20 -14.28
C VAL B 72 8.33 -3.24 -13.21
N ILE B 73 8.12 -1.99 -13.61
CA ILE B 73 7.66 -0.90 -12.77
C ILE B 73 6.19 -0.62 -13.08
N ALA B 74 5.31 -0.92 -12.13
CA ALA B 74 3.92 -0.49 -12.25
C ALA B 74 3.70 0.68 -11.30
N TYR B 75 2.86 1.64 -11.70
CA TYR B 75 2.57 2.77 -10.83
C TYR B 75 1.13 3.25 -10.91
N ASP B 76 0.59 3.66 -9.77
CA ASP B 76 -0.75 4.23 -9.68
C ASP B 76 -0.66 5.74 -9.91
N ARG B 77 -1.36 6.21 -10.94
CA ARG B 77 -1.47 7.63 -11.19
C ARG B 77 -2.04 8.35 -9.96
N LEU B 78 -1.67 9.62 -9.78
CA LEU B 78 -2.15 10.35 -8.60
C LEU B 78 -3.67 10.36 -8.59
N GLY B 79 -4.27 10.07 -7.44
CA GLY B 79 -5.70 9.96 -7.35
C GLY B 79 -6.23 8.56 -7.59
N PHE B 80 -5.39 7.64 -8.04
CA PHE B 80 -5.78 6.26 -8.32
C PHE B 80 -5.23 5.31 -7.28
N GLY B 81 -5.94 4.18 -7.12
CA GLY B 81 -5.42 2.98 -6.46
C GLY B 81 -4.79 3.20 -5.10
N ARG B 82 -3.49 2.97 -5.01
CA ARG B 82 -2.75 3.11 -3.76
C ARG B 82 -2.17 4.51 -3.58
N SER B 83 -2.41 5.41 -4.51
CA SER B 83 -1.79 6.73 -4.46
C SER B 83 -2.69 7.72 -3.72
N ASP B 84 -2.12 8.90 -3.41
CA ASP B 84 -2.85 9.93 -2.69
C ASP B 84 -4.13 10.33 -3.43
N ALA B 85 -5.11 10.77 -2.67
CA ALA B 85 -6.35 11.29 -3.26
C ALA B 85 -6.12 12.63 -3.92
N CYS B 86 -6.84 12.85 -5.02
CA CYS B 86 -6.86 14.11 -5.74
C CYS B 86 -8.26 14.70 -5.55
N LEU B 87 -8.31 15.97 -5.19
CA LEU B 87 -9.58 16.54 -4.74
C LEU B 87 -10.32 17.28 -5.84
N THR B 88 -9.63 17.74 -6.82
CA THR B 88 -10.38 18.33 -7.91
C THR B 88 -10.57 17.32 -9.01
N PRO B 89 -11.65 17.48 -9.76
CA PRO B 89 -11.89 16.65 -10.94
C PRO B 89 -10.70 16.69 -11.89
N PRO B 90 -10.58 15.72 -12.79
CA PRO B 90 -9.41 15.70 -13.67
C PRO B 90 -9.63 16.61 -14.86
N LEU B 91 -8.52 17.14 -15.36
CA LEU B 91 -8.54 17.99 -16.55
C LEU B 91 -8.89 17.17 -17.79
N LEU B 92 -9.51 17.85 -18.78
CA LEU B 92 -9.74 17.20 -20.06
C LEU B 92 -8.44 16.92 -20.81
N SER B 93 -7.33 17.48 -20.34
CA SER B 93 -6.02 17.29 -20.96
C SER B 93 -5.25 16.12 -20.34
N PHE B 94 -5.92 15.29 -19.51
CA PHE B 94 -5.22 14.31 -18.68
C PHE B 94 -4.37 13.32 -19.47
N ILE B 95 -4.78 12.97 -20.69
CA ILE B 95 -3.95 12.11 -21.53
C ILE B 95 -2.66 12.83 -21.90
N ASP B 96 -2.79 14.01 -22.53
CA ASP B 96 -1.62 14.80 -22.90
C ASP B 96 -0.77 15.18 -21.68
N ASP B 97 -1.40 15.36 -20.53
CA ASP B 97 -0.67 15.81 -19.34
C ASP B 97 0.18 14.73 -18.69
N GLU B 98 -0.07 13.44 -18.98
CA GLU B 98 0.54 12.37 -18.20
C GLU B 98 2.06 12.31 -18.28
N PRO B 99 2.73 12.59 -19.41
CA PRO B 99 4.22 12.65 -19.39
C PRO B 99 4.83 13.80 -18.57
N SER B 100 4.06 14.80 -18.15
CA SER B 100 4.56 15.86 -17.28
C SER B 100 4.05 15.74 -15.84
N THR B 101 3.16 14.80 -15.54
CA THR B 101 2.63 14.71 -14.20
C THR B 101 3.19 13.46 -13.51
N SER B 102 2.34 12.47 -13.21
CA SER B 102 2.78 11.31 -12.44
C SER B 102 3.97 10.60 -13.10
N PHE B 103 3.91 10.37 -14.42
CA PHE B 103 5.03 9.72 -15.08
C PHE B 103 6.32 10.52 -14.94
N ALA B 104 6.25 11.84 -15.13
CA ALA B 104 7.44 12.69 -15.00
C ALA B 104 8.08 12.54 -13.62
N ALA B 105 7.25 12.53 -12.57
CA ALA B 105 7.72 12.26 -11.21
C ALA B 105 8.50 10.95 -11.16
N LEU B 106 7.90 9.87 -11.65
CA LEU B 106 8.55 8.56 -11.68
C LEU B 106 9.82 8.59 -12.51
N GLN B 107 9.76 9.22 -13.70
CA GLN B 107 10.90 9.23 -14.60
C GLN B 107 12.08 9.93 -13.95
N SER B 108 11.83 11.04 -13.28
CA SER B 108 12.87 11.70 -12.50
C SER B 108 13.29 10.83 -11.31
N ALA B 109 12.34 10.55 -10.40
CA ALA B 109 12.61 9.76 -9.21
C ALA B 109 13.44 8.52 -9.50
N PHE B 110 13.09 7.77 -10.54
CA PHE B 110 13.84 6.56 -10.82
C PHE B 110 14.93 6.78 -11.86
N GLN B 111 15.12 8.03 -12.31
CA GLN B 111 16.24 8.40 -13.19
C GLN B 111 16.35 7.45 -14.38
N LEU B 112 15.24 7.24 -15.07
CA LEU B 112 15.20 6.30 -16.18
C LEU B 112 15.80 6.97 -17.41
N THR B 113 17.10 6.75 -17.61
CA THR B 113 17.70 7.19 -18.87
C THR B 113 17.18 6.39 -20.04
N HIS B 114 16.52 5.26 -19.78
CA HIS B 114 16.09 4.34 -20.81
C HIS B 114 14.91 3.55 -20.26
N PHE B 115 13.87 3.36 -21.07
CA PHE B 115 12.72 2.59 -20.60
C PHE B 115 11.89 2.12 -21.78
N ILE B 116 11.08 1.10 -21.53
CA ILE B 116 10.05 0.62 -22.45
C ILE B 116 8.69 0.89 -21.80
N ALA B 117 7.78 1.50 -22.54
CA ALA B 117 6.48 1.88 -22.01
C ALA B 117 5.40 0.90 -22.47
N LEU B 118 4.55 0.49 -21.53
CA LEU B 118 3.41 -0.36 -21.84
C LEU B 118 2.19 0.23 -21.15
N GLY B 119 1.09 0.34 -21.88
CA GLY B 119 -0.11 0.95 -21.35
C GLY B 119 -1.37 0.25 -21.80
N HIS B 120 -2.31 0.05 -20.88
CA HIS B 120 -3.56 -0.60 -21.20
C HIS B 120 -4.65 0.45 -21.34
N SER B 121 -5.40 0.35 -22.45
CA SER B 121 -6.60 1.17 -22.69
C SER B 121 -6.13 2.63 -22.69
N VAL B 122 -6.75 3.52 -21.90
CA VAL B 122 -6.32 4.91 -21.94
C VAL B 122 -4.89 5.04 -21.43
N GLY B 123 -4.42 4.04 -20.67
CA GLY B 123 -3.00 3.97 -20.35
C GLY B 123 -2.12 3.88 -21.59
N GLY B 124 -2.58 3.15 -22.62
CA GLY B 124 -1.80 3.05 -23.84
C GLY B 124 -1.70 4.38 -24.57
N CYS B 125 -2.80 5.14 -24.64
CA CYS B 125 -2.75 6.52 -25.13
C CYS B 125 -1.67 7.31 -24.40
N MET B 126 -1.62 7.20 -23.06
CA MET B 126 -0.58 7.94 -22.34
C MET B 126 0.80 7.36 -22.61
N ALA B 127 0.91 6.05 -22.80
CA ALA B 127 2.18 5.46 -23.21
C ALA B 127 2.65 6.04 -24.54
N VAL B 128 1.72 6.19 -25.49
CA VAL B 128 2.07 6.79 -26.78
C VAL B 128 2.61 8.20 -26.58
N HIS B 129 1.98 8.96 -25.67
CA HIS B 129 2.47 10.31 -25.38
C HIS B 129 3.86 10.28 -24.77
N CYS B 130 4.12 9.32 -23.87
CA CYS B 130 5.43 9.22 -23.23
C CYS B 130 6.52 8.87 -24.24
N ALA B 131 6.22 7.96 -25.18
CA ALA B 131 7.20 7.69 -26.23
C ALA B 131 7.46 8.96 -27.04
N GLY B 132 6.40 9.69 -27.38
CA GLY B 132 6.55 11.02 -27.95
C GLY B 132 7.45 11.96 -27.14
N GLN B 133 7.11 12.19 -25.87
CA GLN B 133 7.83 13.19 -25.08
C GLN B 133 9.23 12.74 -24.70
N TYR B 134 9.45 11.44 -24.55
CA TYR B 134 10.76 10.98 -24.11
C TYR B 134 11.38 10.23 -25.27
N VAL B 135 11.35 10.88 -26.43
CA VAL B 135 11.82 10.32 -27.70
C VAL B 135 13.24 9.78 -27.55
N GLU B 136 14.05 10.43 -26.69
CA GLU B 136 15.44 10.06 -26.50
C GLU B 136 15.63 8.89 -25.55
N GLN B 137 14.65 8.59 -24.70
CA GLN B 137 14.81 7.54 -23.71
C GLN B 137 13.90 6.35 -23.95
N CYS B 138 12.81 6.52 -24.68
CA CYS B 138 11.88 5.42 -24.92
C CYS B 138 12.40 4.54 -26.06
N GLN B 139 12.59 3.26 -25.77
CA GLN B 139 13.12 2.31 -26.72
C GLN B 139 12.08 1.35 -27.27
N GLY B 140 10.87 1.39 -26.77
CA GLY B 140 9.80 0.58 -27.31
C GLY B 140 8.51 0.90 -26.61
N LEU B 141 7.41 0.58 -27.30
CA LEU B 141 6.09 0.91 -26.84
C LEU B 141 5.21 -0.30 -27.09
N ILE B 142 4.39 -0.64 -26.09
CA ILE B 142 3.31 -1.63 -26.22
C ILE B 142 2.01 -0.94 -25.85
N THR B 143 0.98 -1.11 -26.68
CA THR B 143 -0.37 -0.61 -26.39
C THR B 143 -1.31 -1.81 -26.32
N ILE B 144 -2.17 -1.85 -25.31
CA ILE B 144 -3.12 -2.96 -25.16
C ILE B 144 -4.52 -2.39 -25.04
N ALA B 145 -5.37 -2.66 -26.05
CA ALA B 145 -6.72 -2.12 -26.17
C ALA B 145 -6.75 -0.59 -26.21
N ALA B 146 -5.64 0.03 -26.61
CA ALA B 146 -5.52 1.48 -26.60
C ALA B 146 -6.40 2.16 -27.65
N GLN B 147 -7.01 3.29 -27.27
CA GLN B 147 -7.86 4.09 -28.15
C GLN B 147 -7.01 5.02 -29.02
N ALA B 148 -7.17 4.91 -30.34
CA ALA B 148 -6.57 5.87 -31.24
C ALA B 148 -7.54 6.97 -31.63
N VAL B 149 -8.83 6.66 -31.72
CA VAL B 149 -9.87 7.62 -32.06
C VAL B 149 -11.06 7.35 -31.16
N ASN B 150 -11.84 8.39 -30.93
CA ASN B 150 -13.17 8.20 -30.37
C ASN B 150 -14.09 7.59 -31.43
N GLU B 151 -15.10 6.85 -30.97
CA GLU B 151 -16.04 6.20 -31.88
C GLU B 151 -17.27 5.79 -31.08
N PRO B 152 -18.42 5.64 -31.75
CA PRO B 152 -19.65 5.25 -31.03
C PRO B 152 -19.48 4.05 -30.11
N ARG B 153 -18.81 3.00 -30.58
CA ARG B 153 -18.64 1.79 -29.78
C ARG B 153 -18.00 2.08 -28.42
N THR B 154 -17.04 3.00 -28.38
CA THR B 154 -16.42 3.38 -27.11
C THR B 154 -17.41 4.14 -26.22
N GLN B 155 -18.09 5.14 -26.79
CA GLN B 155 -19.05 5.91 -26.00
C GLN B 155 -20.15 5.01 -25.46
N GLN B 156 -20.60 4.06 -26.27
CA GLN B 156 -21.72 3.21 -25.86
C GLN B 156 -21.29 2.26 -24.76
N GLY B 157 -20.07 1.74 -24.82
CA GLY B 157 -19.60 0.83 -23.80
C GLY B 157 -19.37 1.52 -22.46
N ILE B 158 -18.90 2.78 -22.51
CA ILE B 158 -18.71 3.55 -21.30
C ILE B 158 -20.04 3.82 -20.62
N GLU B 159 -21.05 4.15 -21.43
CA GLU B 159 -22.41 4.32 -20.92
C GLU B 159 -22.92 3.04 -20.26
N GLU B 160 -22.90 1.92 -21.00
CA GLU B 160 -23.34 0.64 -20.43
C GLU B 160 -22.62 0.36 -19.13
N ALA B 161 -21.29 0.42 -19.15
CA ALA B 161 -20.52 0.18 -17.94
C ALA B 161 -20.87 1.18 -16.83
N ARG B 162 -21.08 2.45 -17.18
CA ARG B 162 -21.44 3.40 -16.13
C ARG B 162 -22.70 2.94 -15.40
N ALA B 163 -23.63 2.30 -16.12
CA ALA B 163 -24.90 1.93 -15.51
C ALA B 163 -24.72 0.84 -14.46
N ALA B 164 -23.87 -0.15 -14.77
CA ALA B 164 -23.67 -1.27 -13.85
C ALA B 164 -23.23 -0.82 -12.48
N PHE B 165 -22.58 0.33 -12.41
CA PHE B 165 -21.97 0.74 -11.16
C PHE B 165 -23.01 1.22 -10.15
N GLN B 166 -24.15 1.73 -10.58
CA GLN B 166 -25.20 2.13 -9.66
C GLN B 166 -25.82 0.94 -8.92
N MET B 167 -25.47 -0.27 -9.27
CA MET B 167 -25.71 -1.37 -8.34
C MET B 167 -24.66 -1.31 -7.25
N PRO B 168 -25.05 -1.23 -5.97
CA PRO B 168 -24.04 -1.11 -4.89
C PRO B 168 -22.98 -2.20 -4.90
N GLU B 169 -23.36 -3.45 -5.19
CA GLU B 169 -22.36 -4.52 -5.25
C GLU B 169 -21.27 -4.21 -6.26
N GLN B 170 -21.63 -3.65 -7.43
CA GLN B 170 -20.63 -3.37 -8.45
C GLN B 170 -19.75 -2.18 -8.08
N PHE B 171 -20.35 -1.08 -7.59
CA PHE B 171 -19.54 0.03 -7.11
C PHE B 171 -18.63 -0.39 -5.97
N ALA B 172 -19.16 -1.19 -5.04
CA ALA B 172 -18.33 -1.79 -3.99
C ALA B 172 -17.07 -2.43 -4.58
N LYS B 173 -17.21 -3.08 -5.74
CA LYS B 173 -16.04 -3.65 -6.41
C LYS B 173 -15.00 -2.58 -6.68
N LEU B 174 -15.43 -1.39 -7.11
CA LEU B 174 -14.49 -0.31 -7.38
C LEU B 174 -13.86 0.23 -6.10
N GLU B 175 -14.59 0.24 -4.99
CA GLU B 175 -14.06 0.76 -3.73
C GLU B 175 -12.98 -0.12 -3.14
N LYS B 176 -13.00 -1.43 -3.46
CA LYS B 176 -11.94 -2.32 -2.99
C LYS B 176 -10.58 -1.89 -3.50
N TYR B 177 -10.51 -1.49 -4.80
CA TYR B 177 -9.24 -1.19 -5.44
C TYR B 177 -8.88 0.28 -5.41
N HIS B 178 -9.86 1.16 -5.14
CA HIS B 178 -9.61 2.59 -5.06
C HIS B 178 -9.99 3.25 -3.74
N GLY B 179 -10.57 2.50 -2.78
CA GLY B 179 -10.98 3.15 -1.55
C GLY B 179 -12.07 4.17 -1.85
N ASN B 180 -12.14 5.21 -1.01
CA ASN B 180 -13.15 6.23 -1.29
C ASN B 180 -12.68 7.22 -2.34
N LYS B 181 -11.55 6.97 -2.99
CA LYS B 181 -11.26 7.62 -4.26
C LYS B 181 -12.06 7.02 -5.42
N ALA B 182 -12.92 6.03 -5.16
CA ALA B 182 -13.70 5.42 -6.24
C ALA B 182 -14.58 6.44 -6.95
N ARG B 183 -15.42 7.15 -6.19
CA ARG B 183 -16.32 8.14 -6.76
C ARG B 183 -15.60 9.06 -7.71
N TRP B 184 -14.36 9.46 -7.36
CA TRP B 184 -13.56 10.32 -8.22
C TRP B 184 -13.11 9.58 -9.47
N VAL B 185 -12.65 8.34 -9.30
CA VAL B 185 -12.18 7.55 -10.44
C VAL B 185 -13.31 7.32 -11.44
N LEU B 186 -14.49 6.93 -10.94
CA LEU B 186 -15.63 6.66 -11.81
C LEU B 186 -16.06 7.90 -12.59
N ASN B 187 -16.14 9.06 -11.91
CA ASN B 187 -16.60 10.27 -12.58
C ASN B 187 -15.55 10.78 -13.56
N GLY B 188 -14.27 10.74 -13.18
CA GLY B 188 -13.21 11.21 -14.07
C GLY B 188 -13.07 10.39 -15.33
N TRP B 189 -13.52 9.12 -15.29
CA TRP B 189 -13.63 8.31 -16.49
C TRP B 189 -14.73 8.83 -17.39
N ILE B 190 -15.95 8.89 -16.84
CA ILE B 190 -17.12 9.29 -17.62
C ILE B 190 -17.04 10.76 -18.01
N ASP B 191 -16.78 11.64 -17.03
CA ASP B 191 -16.89 13.09 -17.26
C ASP B 191 -15.95 13.57 -18.35
N THR B 192 -14.80 12.92 -18.53
CA THR B 192 -13.91 13.35 -19.62
C THR B 192 -14.32 12.73 -20.95
N TRP B 193 -14.53 11.40 -20.97
CA TRP B 193 -14.67 10.73 -22.25
C TRP B 193 -15.99 11.10 -22.94
N LEU B 194 -17.07 11.22 -22.17
CA LEU B 194 -18.35 11.60 -22.72
C LEU B 194 -18.54 13.11 -22.79
N HIS B 195 -17.49 13.87 -22.53
CA HIS B 195 -17.59 15.31 -22.62
C HIS B 195 -17.68 15.75 -24.08
N PRO B 196 -18.48 16.78 -24.39
CA PRO B 196 -18.57 17.24 -25.79
C PRO B 196 -17.24 17.63 -26.40
N ALA B 197 -16.29 18.17 -25.64
CA ALA B 197 -14.98 18.40 -26.22
C ALA B 197 -14.30 17.12 -26.70
N PHE B 198 -14.67 15.96 -26.16
CA PHE B 198 -14.01 14.71 -26.52
C PHE B 198 -14.64 14.03 -27.73
N GLU B 199 -15.61 14.68 -28.38
CA GLU B 199 -16.36 14.02 -29.44
C GLU B 199 -15.44 13.63 -30.60
N HIS B 200 -14.76 14.61 -31.17
CA HIS B 200 -13.85 14.35 -32.28
C HIS B 200 -12.41 14.07 -31.82
N TRP B 201 -12.20 13.36 -30.71
CA TRP B 201 -10.85 13.15 -30.19
C TRP B 201 -10.08 12.10 -31.00
N SER B 202 -8.79 12.33 -31.19
CA SER B 202 -7.97 11.37 -31.92
C SER B 202 -6.55 11.38 -31.38
N LEU B 203 -5.91 10.21 -31.37
CA LEU B 203 -4.52 10.08 -30.95
C LEU B 203 -3.53 10.40 -32.06
N THR B 204 -4.00 10.71 -33.28
CA THR B 204 -3.13 10.85 -34.44
C THR B 204 -1.95 11.80 -34.25
N PRO B 205 -2.09 12.99 -33.64
CA PRO B 205 -0.89 13.83 -33.45
C PRO B 205 0.14 13.22 -32.53
N ALA B 206 -0.27 12.57 -31.44
CA ALA B 206 0.72 11.94 -30.57
C ALA B 206 1.39 10.76 -31.27
N LEU B 207 0.59 9.94 -31.98
CA LEU B 207 1.14 8.78 -32.67
C LEU B 207 2.24 9.17 -33.64
N GLN B 208 2.04 10.27 -34.36
CA GLN B 208 3.02 10.78 -35.32
C GLN B 208 4.32 11.20 -34.66
N HIS B 209 4.39 11.27 -33.33
CA HIS B 209 5.62 11.59 -32.63
C HIS B 209 6.33 10.39 -32.02
N VAL B 210 5.78 9.20 -32.18
CA VAL B 210 6.42 7.98 -31.69
C VAL B 210 7.45 7.51 -32.71
N HIS B 211 8.69 7.30 -32.28
CA HIS B 211 9.75 6.86 -33.15
C HIS B 211 10.33 5.50 -32.79
N CYS B 212 10.07 4.95 -31.61
CA CYS B 212 10.55 3.62 -31.27
C CYS B 212 9.64 2.58 -31.90
N PRO B 213 10.04 1.30 -31.90
CA PRO B 213 9.12 0.25 -32.36
C PRO B 213 7.89 0.16 -31.46
N THR B 214 6.80 -0.33 -32.02
CA THR B 214 5.53 -0.37 -31.31
C THR B 214 4.86 -1.73 -31.51
N LEU B 215 4.40 -2.32 -30.39
CA LEU B 215 3.63 -3.55 -30.41
C LEU B 215 2.18 -3.22 -30.08
N VAL B 216 1.27 -3.49 -31.01
CA VAL B 216 -0.14 -3.13 -30.87
C VAL B 216 -0.92 -4.41 -30.55
N LEU B 217 -1.47 -4.48 -29.35
CA LEU B 217 -2.26 -5.63 -28.91
C LEU B 217 -3.71 -5.20 -28.73
N HIS B 218 -4.63 -6.01 -29.24
CA HIS B 218 -6.04 -5.66 -29.21
C HIS B 218 -6.85 -6.94 -29.34
N GLY B 219 -7.83 -7.10 -28.45
CA GLY B 219 -8.61 -8.32 -28.42
C GLY B 219 -9.67 -8.30 -29.50
N GLU B 220 -9.81 -9.46 -30.17
CA GLU B 220 -10.82 -9.61 -31.21
C GLU B 220 -12.19 -9.14 -30.76
N ASN B 221 -12.55 -9.40 -29.51
CA ASN B 221 -13.88 -9.07 -29.02
C ASN B 221 -13.88 -7.88 -28.05
N ASP B 222 -12.95 -6.95 -28.24
CA ASP B 222 -12.93 -5.74 -27.43
C ASP B 222 -14.31 -5.10 -27.37
N GLU B 223 -14.86 -5.00 -26.15
CA GLU B 223 -16.19 -4.46 -25.91
C GLU B 223 -16.27 -2.94 -26.07
N TYR B 224 -15.13 -2.27 -26.25
CA TYR B 224 -15.11 -0.83 -26.38
C TYR B 224 -14.48 -0.37 -27.68
N GLY B 225 -13.56 -1.14 -28.24
CA GLY B 225 -12.78 -0.69 -29.37
C GLY B 225 -12.82 -1.62 -30.56
N SER B 226 -13.31 -1.08 -31.68
CA SER B 226 -13.42 -1.75 -32.97
C SER B 226 -12.05 -1.83 -33.66
N HIS B 227 -12.03 -2.46 -34.83
CA HIS B 227 -10.85 -2.47 -35.69
C HIS B 227 -10.28 -1.06 -35.89
N ARG B 228 -11.12 -0.02 -35.76
CA ARG B 228 -10.64 1.34 -35.91
C ARG B 228 -9.44 1.63 -35.01
N GLN B 229 -9.41 1.06 -33.79
CA GLN B 229 -8.38 1.41 -32.81
C GLN B 229 -7.00 0.82 -33.12
N PRO B 230 -6.82 -0.52 -33.18
CA PRO B 230 -5.47 -1.03 -33.51
C PRO B 230 -5.00 -0.54 -34.86
N GLU B 231 -5.90 -0.31 -35.82
CA GLU B 231 -5.47 0.16 -37.12
C GLU B 231 -4.97 1.60 -37.04
N GLY B 232 -5.75 2.48 -36.39
CA GLY B 232 -5.29 3.85 -36.17
C GLY B 232 -3.91 3.92 -35.55
N ILE B 233 -3.64 3.07 -34.56
CA ILE B 233 -2.34 3.11 -33.89
C ILE B 233 -1.21 2.71 -34.84
N ALA B 234 -1.39 1.64 -35.62
CA ALA B 234 -0.31 1.18 -36.52
C ALA B 234 -0.14 2.09 -37.73
N ARG B 235 -1.22 2.73 -38.16
CA ARG B 235 -1.16 3.71 -39.25
C ARG B 235 -0.19 4.85 -38.98
N HIS B 236 -0.33 5.49 -37.82
CA HIS B 236 0.21 6.81 -37.62
C HIS B 236 1.54 6.83 -36.88
N THR B 237 1.97 5.70 -36.35
CA THR B 237 3.31 5.59 -35.80
C THR B 237 4.36 5.96 -36.84
N ARG B 238 5.44 6.57 -36.39
CA ARG B 238 6.52 6.81 -37.32
C ARG B 238 7.51 5.64 -37.33
N GLY B 239 7.75 5.01 -36.18
CA GLY B 239 8.58 3.82 -36.11
C GLY B 239 7.81 2.58 -36.54
N PRO B 240 8.54 1.48 -36.71
CA PRO B 240 7.88 0.23 -37.12
C PRO B 240 6.91 -0.26 -36.06
N ALA B 241 5.85 -0.91 -36.51
CA ALA B 241 4.69 -1.22 -35.67
C ALA B 241 4.12 -2.58 -36.05
N HIS B 242 4.19 -3.55 -35.13
CA HIS B 242 3.58 -4.85 -35.34
C HIS B 242 2.27 -4.96 -34.57
N THR B 243 1.24 -5.55 -35.19
CA THR B 243 -0.05 -5.72 -34.52
C THR B 243 -0.31 -7.21 -34.24
N GLU B 244 -1.07 -7.49 -33.18
CA GLU B 244 -1.60 -8.82 -32.91
C GLU B 244 -3.03 -8.66 -32.41
N ILE B 245 -3.99 -8.96 -33.27
CA ILE B 245 -5.35 -9.22 -32.81
C ILE B 245 -5.34 -10.56 -32.08
N LEU B 246 -5.84 -10.56 -30.84
CA LEU B 246 -5.89 -11.78 -30.04
C LEU B 246 -7.26 -12.42 -30.17
N PRO B 247 -7.33 -13.67 -30.64
CA PRO B 247 -8.64 -14.29 -30.86
C PRO B 247 -9.38 -14.59 -29.56
N GLY B 248 -10.69 -14.36 -29.57
CA GLY B 248 -11.56 -14.59 -28.42
C GLY B 248 -11.35 -13.72 -27.20
N VAL B 249 -10.48 -12.71 -27.28
CA VAL B 249 -10.16 -11.86 -26.13
C VAL B 249 -10.95 -10.55 -26.22
N GLY B 250 -11.32 -10.03 -25.05
CA GLY B 250 -12.05 -8.78 -24.94
C GLY B 250 -11.17 -7.59 -24.60
N HIS B 251 -11.74 -6.62 -23.90
CA HIS B 251 -11.01 -5.40 -23.58
C HIS B 251 -9.86 -5.59 -22.59
N VAL B 252 -9.73 -6.74 -21.91
CA VAL B 252 -8.68 -6.82 -20.90
C VAL B 252 -7.77 -8.02 -21.15
N PRO B 253 -6.85 -7.90 -22.11
CA PRO B 253 -6.02 -9.06 -22.49
C PRO B 253 -5.08 -9.57 -21.41
N HIS B 254 -4.48 -8.70 -20.60
CA HIS B 254 -3.53 -9.21 -19.59
C HIS B 254 -4.21 -10.05 -18.52
N ARG B 255 -5.52 -9.92 -18.35
CA ARG B 255 -6.23 -10.84 -17.47
C ARG B 255 -6.77 -12.04 -18.22
N GLU B 256 -7.47 -11.80 -19.34
CA GLU B 256 -8.09 -12.89 -20.08
C GLU B 256 -7.06 -13.90 -20.57
N VAL B 257 -5.99 -13.44 -21.21
CA VAL B 257 -4.99 -14.39 -21.72
C VAL B 257 -3.58 -13.94 -21.31
N GLU B 258 -3.29 -14.03 -20.01
CA GLU B 258 -2.04 -13.51 -19.48
C GLU B 258 -0.82 -14.10 -20.17
N ALA B 259 -0.83 -15.43 -20.40
CA ALA B 259 0.35 -16.09 -20.96
C ALA B 259 0.58 -15.67 -22.41
N VAL B 260 -0.51 -15.49 -23.16
CA VAL B 260 -0.41 -15.00 -24.52
C VAL B 260 0.19 -13.60 -24.55
N VAL B 261 -0.33 -12.69 -23.70
CA VAL B 261 0.18 -11.32 -23.68
C VAL B 261 1.67 -11.31 -23.35
N VAL B 262 2.05 -12.05 -22.30
CA VAL B 262 3.45 -12.09 -21.88
C VAL B 262 4.33 -12.63 -23.00
N HIS B 263 3.82 -13.60 -23.77
CA HIS B 263 4.58 -14.23 -24.85
C HIS B 263 4.89 -13.21 -25.95
N TYR B 264 3.88 -12.50 -26.45
CA TYR B 264 4.09 -11.51 -27.48
C TYR B 264 4.96 -10.36 -27.02
N VAL B 265 4.86 -9.96 -25.74
CA VAL B 265 5.63 -8.80 -25.27
C VAL B 265 7.09 -9.18 -25.04
N SER B 266 7.35 -10.40 -24.59
CA SER B 266 8.72 -10.92 -24.53
C SER B 266 9.36 -10.95 -25.91
N GLU B 267 8.66 -11.54 -26.89
CA GLU B 267 9.19 -11.59 -28.25
C GLU B 267 9.54 -10.21 -28.73
N PHE B 268 8.60 -9.26 -28.57
CA PHE B 268 8.82 -7.90 -29.01
C PHE B 268 10.07 -7.31 -28.38
N ILE B 269 10.28 -7.53 -27.08
CA ILE B 269 11.39 -6.85 -26.41
C ILE B 269 12.72 -7.47 -26.82
N GLU B 270 12.76 -8.80 -26.94
CA GLU B 270 13.95 -9.45 -27.47
C GLU B 270 14.40 -8.80 -28.78
N ARG B 271 13.46 -8.58 -29.69
CA ARG B 271 13.73 -8.02 -31.00
C ARG B 271 14.16 -6.56 -31.00
N LEU B 272 14.46 -6.00 -29.85
CA LEU B 272 14.91 -4.60 -29.83
C LEU B 272 16.42 -4.55 -29.67
C1 PEG C . 5.65 9.30 19.36
O1 PEG C . 4.96 9.20 18.11
C2 PEG C . 5.10 10.37 20.26
O2 PEG C . 4.11 9.83 21.13
C3 PEG C . 3.89 10.59 22.30
C4 PEG C . 2.45 10.98 22.39
O4 PEG C . 1.59 9.85 22.26
C1 PEG D . -7.21 20.86 20.01
O1 PEG D . -7.58 21.58 18.82
C2 PEG D . -6.61 21.74 21.09
O2 PEG D . -5.20 21.54 21.17
C3 PEG D . -4.44 22.65 20.69
C4 PEG D . -2.98 22.40 20.94
O4 PEG D . -2.23 23.61 20.95
C1 PEG E . -5.04 -4.22 40.20
O1 PEG E . -4.25 -5.33 39.74
C2 PEG E . -6.31 -4.06 39.40
O2 PEG E . -7.44 -4.60 40.09
C3 PEG E . -8.17 -3.63 40.85
C4 PEG E . -9.34 -4.27 41.54
O4 PEG E . -9.06 -4.59 42.90
C1 PEG F . -11.95 4.62 -21.61
O1 PEG F . -11.08 5.16 -22.59
C2 PEG F . -12.86 3.56 -22.19
O2 PEG F . -12.31 2.26 -21.96
C3 PEG F . -12.86 1.56 -20.84
C4 PEG F . -11.78 1.35 -19.81
O4 PEG F . -12.12 0.33 -18.87
C1 PEG G . 2.77 -10.58 -7.60
O1 PEG G . 4.16 -10.93 -7.64
C2 PEG G . 2.45 -9.81 -6.35
O2 PEG G . 1.10 -9.36 -6.36
C3 PEG G . 0.16 -10.34 -5.92
C4 PEG G . -0.97 -10.39 -6.89
O4 PEG G . -0.78 -11.41 -7.85
C1 PEG H . -8.71 17.06 -26.36
O1 PEG H . -10.10 16.88 -26.58
C2 PEG H . -8.42 17.45 -24.94
O2 PEG H . -7.11 18.04 -24.84
C3 PEG H . -7.15 19.45 -24.61
C4 PEG H . -5.80 19.94 -24.18
O4 PEG H . -4.84 19.82 -25.21
#